data_8KHD
#
_entry.id   8KHD
#
_cell.length_a   1.00
_cell.length_b   1.00
_cell.length_c   1.00
_cell.angle_alpha   90.00
_cell.angle_beta   90.00
_cell.angle_gamma   90.00
#
_symmetry.space_group_name_H-M   'P 1'
#
loop_
_entity.id
_entity.type
_entity.pdbx_description
1 polymer 'Heavy chain of 5817'
2 polymer 'Light chain of 5817'
3 polymer 'Spike protein S1'
4 non-polymer 2-acetamido-2-deoxy-beta-D-glucopyranose
#
loop_
_entity_poly.entity_id
_entity_poly.type
_entity_poly.pdbx_seq_one_letter_code
_entity_poly.pdbx_strand_id
1 'polypeptide(L)'
;EVQLVESGGGLVKPGGSLRLSCAASGFSFSDAWMSWVRQAPGKGLEWVGRVSSEIGGGTTDYAAPVKGRFTISRDDSKNT
LFLQMSSLKTEDTAVYYCTTGVDIVVMMYADDAFDIWGQGTMVTV
;
H
2 'polypeptide(L)'
;ELTQDPAVSVALGQTVRITCQGDSLRSYYASWYQQKPGQAPVLVIYGKNNRPSGIPDRFSGSSSGNTASLTITGPQAEDE
ADYYCTSRDSSGNHVIFGGGTKLTVLGQ
;
J
3 'polypeptide(L)'
;PNITNLCPFDEVFNATRFASVYAWNRKRISNCVADYSVLYNLAPFFTFKCYGVSPTKLNDLCFTNVYADSFVIRGDEVRQ
IAPGQTGNIADYNYKLPDDFTGCVIAWNSNKLDSKVSGNYNYLYRLFRKSNLKPFERDISTEIYQAGNKPCNGVAGFNCY
FPLRSYSFRPTYGVGHQPYRVVVLSFELLHAPATVCGPKKS
;
C
#
loop_
_chem_comp.id
_chem_comp.type
_chem_comp.name
_chem_comp.formula
NAG D-saccharide, beta linking 2-acetamido-2-deoxy-beta-D-glucopyranose 'C8 H15 N O6'
#
# COMPACT_ATOMS: atom_id res chain seq x y z
N GLU A 1 10.06 -8.58 16.87
CA GLU A 1 8.94 -8.07 16.08
C GLU A 1 9.45 -7.52 14.73
N VAL A 2 8.56 -6.90 13.95
CA VAL A 2 8.90 -6.53 12.58
C VAL A 2 9.96 -5.43 12.56
N GLN A 3 10.98 -5.62 11.72
CA GLN A 3 12.17 -4.78 11.79
C GLN A 3 12.75 -4.57 10.40
N LEU A 4 13.27 -3.35 10.18
CA LEU A 4 14.06 -3.01 9.01
C LEU A 4 15.41 -2.48 9.49
N VAL A 5 16.50 -3.01 8.92
CA VAL A 5 17.85 -2.66 9.32
C VAL A 5 18.60 -2.13 8.09
N GLU A 6 19.20 -0.96 8.22
CA GLU A 6 19.98 -0.34 7.16
C GLU A 6 21.47 -0.53 7.42
N SER A 7 22.22 -0.78 6.35
CA SER A 7 23.67 -0.98 6.44
C SER A 7 24.34 -0.34 5.23
N GLY A 8 25.57 0.11 5.43
CA GLY A 8 26.33 0.77 4.40
C GLY A 8 26.40 2.28 4.60
N GLY A 9 27.33 2.90 3.91
CA GLY A 9 27.48 4.34 3.97
C GLY A 9 28.79 4.74 4.63
N GLY A 10 29.24 5.96 4.32
CA GLY A 10 30.48 6.46 4.87
C GLY A 10 30.97 7.68 4.11
N LEU A 11 32.28 7.88 4.15
CA LEU A 11 32.93 8.97 3.42
C LEU A 11 33.59 8.41 2.17
N VAL A 12 33.32 9.04 1.03
CA VAL A 12 33.85 8.59 -0.25
C VAL A 12 34.02 9.82 -1.15
N LYS A 13 35.02 9.76 -2.02
CA LYS A 13 35.24 10.83 -2.98
C LYS A 13 34.10 10.88 -3.99
N PRO A 14 33.78 12.07 -4.51
CA PRO A 14 32.70 12.18 -5.51
C PRO A 14 33.02 11.44 -6.80
N GLY A 15 31.97 10.96 -7.45
CA GLY A 15 32.11 10.17 -8.66
C GLY A 15 32.27 8.68 -8.45
N GLY A 16 32.32 8.22 -7.20
CA GLY A 16 32.48 6.81 -6.90
C GLY A 16 31.15 6.08 -6.89
N SER A 17 31.20 4.88 -6.31
CA SER A 17 30.01 4.03 -6.17
C SER A 17 29.91 3.55 -4.73
N LEU A 18 28.67 3.34 -4.28
CA LEU A 18 28.43 2.88 -2.92
C LEU A 18 27.11 2.13 -2.88
N ARG A 19 27.08 1.02 -2.15
CA ARG A 19 25.90 0.16 -2.09
C ARG A 19 25.34 0.13 -0.68
N LEU A 20 24.05 0.44 -0.57
CA LEU A 20 23.34 0.48 0.69
C LEU A 20 22.36 -0.68 0.74
N SER A 21 22.36 -1.42 1.85
CA SER A 21 21.56 -2.62 2.00
C SER A 21 20.49 -2.42 3.06
N CYS A 22 19.31 -2.98 2.81
CA CYS A 22 18.21 -2.97 3.77
C CYS A 22 17.74 -4.40 3.97
N ALA A 23 17.77 -4.87 5.21
CA ALA A 23 17.35 -6.21 5.57
C ALA A 23 16.05 -6.14 6.36
N ALA A 24 15.07 -6.94 5.97
CA ALA A 24 13.74 -6.90 6.55
C ALA A 24 13.44 -8.22 7.25
N SER A 25 12.69 -8.13 8.35
CA SER A 25 12.27 -9.32 9.07
C SER A 25 10.90 -9.07 9.69
N GLY A 26 10.15 -10.14 9.90
CA GLY A 26 8.86 -10.07 10.53
C GLY A 26 7.67 -9.98 9.59
N PHE A 27 7.89 -9.88 8.29
CA PHE A 27 6.80 -9.79 7.34
C PHE A 27 7.24 -10.34 5.99
N SER A 28 6.26 -10.65 5.14
CA SER A 28 6.49 -11.28 3.85
C SER A 28 7.11 -10.24 2.92
N PHE A 29 8.39 -10.45 2.58
CA PHE A 29 9.14 -9.48 1.81
C PHE A 29 8.75 -9.47 0.34
N SER A 30 8.26 -10.60 -0.20
CA SER A 30 7.98 -10.71 -1.62
C SER A 30 6.76 -9.92 -2.07
N ASP A 31 5.90 -9.49 -1.14
CA ASP A 31 4.68 -8.76 -1.46
C ASP A 31 4.66 -7.40 -0.78
N ALA A 32 5.80 -6.71 -0.78
CA ALA A 32 5.93 -5.41 -0.14
C ALA A 32 6.41 -4.39 -1.15
N TRP A 33 5.82 -3.19 -1.10
CA TRP A 33 6.20 -2.10 -1.99
C TRP A 33 7.17 -1.19 -1.26
N MET A 34 8.42 -1.67 -1.15
CA MET A 34 9.43 -0.92 -0.42
C MET A 34 9.87 0.33 -1.18
N SER A 35 10.53 1.23 -0.46
CA SER A 35 10.99 2.48 -1.05
C SER A 35 12.26 2.94 -0.33
N TRP A 36 13.03 3.77 -1.03
CA TRP A 36 14.17 4.47 -0.47
C TRP A 36 13.85 5.95 -0.41
N VAL A 37 14.22 6.59 0.71
CA VAL A 37 13.99 8.01 0.92
C VAL A 37 15.23 8.60 1.60
N ARG A 38 15.51 9.87 1.30
CA ARG A 38 16.68 10.55 1.81
C ARG A 38 16.27 11.82 2.55
N GLN A 39 17.20 12.32 3.38
CA GLN A 39 16.99 13.61 4.03
C GLN A 39 18.33 14.28 4.28
N ALA A 40 18.49 15.50 3.77
CA ALA A 40 19.64 16.31 4.11
C ALA A 40 19.52 16.76 5.57
N PRO A 41 20.65 16.97 6.25
CA PRO A 41 20.59 17.45 7.65
C PRO A 41 20.05 18.85 7.73
N GLY A 42 18.95 19.01 8.48
CA GLY A 42 18.29 20.29 8.62
C GLY A 42 17.24 20.60 7.59
N LYS A 43 17.04 19.74 6.61
CA LYS A 43 16.07 19.95 5.55
C LYS A 43 14.96 18.91 5.64
N GLY A 44 13.96 19.04 4.77
CA GLY A 44 12.87 18.10 4.74
C GLY A 44 13.24 16.79 4.06
N LEU A 45 12.32 15.83 4.14
CA LEU A 45 12.53 14.53 3.54
C LEU A 45 12.42 14.61 2.02
N GLU A 46 13.30 13.89 1.33
CA GLU A 46 13.32 13.87 -0.14
C GLU A 46 13.29 12.43 -0.63
N TRP A 47 12.38 12.15 -1.54
CA TRP A 47 12.20 10.81 -2.07
C TRP A 47 13.37 10.39 -2.94
N VAL A 48 13.71 9.10 -2.88
CA VAL A 48 14.75 8.50 -3.73
C VAL A 48 14.13 7.59 -4.79
N GLY A 49 13.36 6.59 -4.36
CA GLY A 49 12.78 5.71 -5.36
C GLY A 49 11.89 4.64 -4.76
N ARG A 50 11.23 3.91 -5.66
CA ARG A 50 10.41 2.75 -5.34
C ARG A 50 10.99 1.51 -5.98
N VAL A 51 10.55 0.35 -5.50
CA VAL A 51 10.96 -0.93 -6.08
C VAL A 51 9.79 -1.84 -6.44
N SER A 52 8.63 -1.70 -5.80
CA SER A 52 7.40 -2.46 -6.06
C SER A 52 7.57 -3.97 -5.95
N SER A 53 6.54 -4.72 -6.33
CA SER A 53 6.51 -6.16 -6.12
C SER A 53 6.49 -6.89 -7.45
N GLU A 54 7.03 -8.11 -7.45
CA GLU A 54 7.09 -8.90 -8.68
C GLU A 54 5.73 -9.45 -9.06
N ILE A 55 4.83 -9.60 -8.09
CA ILE A 55 3.46 -10.03 -8.37
C ILE A 55 2.69 -8.75 -8.70
N GLY A 56 2.76 -8.35 -9.96
CA GLY A 56 2.22 -7.08 -10.39
C GLY A 56 3.18 -6.34 -11.28
N GLY A 57 4.31 -6.97 -11.58
CA GLY A 57 5.28 -6.41 -12.50
C GLY A 57 6.30 -5.51 -11.83
N GLY A 58 7.59 -5.78 -12.04
CA GLY A 58 8.63 -4.92 -11.53
C GLY A 58 8.62 -3.56 -12.20
N THR A 59 8.19 -2.54 -11.47
CA THR A 59 8.04 -1.20 -12.02
C THR A 59 8.86 -0.18 -11.23
N THR A 60 10.12 -0.53 -10.94
CA THR A 60 11.01 0.27 -10.11
C THR A 60 11.23 1.66 -10.70
N ASP A 61 10.67 2.67 -10.04
CA ASP A 61 10.74 4.05 -10.51
C ASP A 61 11.90 4.76 -9.84
N TYR A 62 12.05 6.05 -10.15
CA TYR A 62 13.12 6.86 -9.58
C TYR A 62 12.63 8.29 -9.43
N ALA A 63 13.29 9.02 -8.53
CA ALA A 63 12.99 10.44 -8.37
C ALA A 63 13.59 11.23 -9.53
N ALA A 64 13.00 12.40 -9.79
CA ALA A 64 13.45 13.22 -10.92
C ALA A 64 14.88 13.74 -10.80
N PRO A 65 15.35 14.32 -9.67
CA PRO A 65 16.74 14.81 -9.66
C PRO A 65 17.79 13.72 -9.64
N VAL A 66 17.45 12.49 -9.27
CA VAL A 66 18.44 11.43 -9.16
C VAL A 66 18.09 10.29 -10.11
N LYS A 67 17.39 10.62 -11.20
CA LYS A 67 16.97 9.59 -12.15
C LYS A 67 18.17 9.05 -12.92
N GLY A 68 18.23 7.73 -13.04
CA GLY A 68 19.25 7.05 -13.83
C GLY A 68 20.55 6.72 -13.12
N ARG A 69 21.11 7.67 -12.38
CA ARG A 69 22.41 7.47 -11.76
C ARG A 69 22.38 6.55 -10.55
N PHE A 70 21.20 6.20 -10.05
CA PHE A 70 21.06 5.28 -8.92
C PHE A 70 20.40 3.99 -9.39
N THR A 71 20.84 2.87 -8.83
CA THR A 71 20.35 1.55 -9.18
C THR A 71 19.70 0.90 -7.97
N ILE A 72 18.49 0.40 -8.14
CA ILE A 72 17.72 -0.22 -7.06
C ILE A 72 17.43 -1.68 -7.43
N SER A 73 17.40 -2.55 -6.43
CA SER A 73 17.25 -3.98 -6.69
C SER A 73 16.65 -4.67 -5.47
N ARG A 74 16.10 -5.86 -5.72
CA ARG A 74 15.47 -6.69 -4.70
C ARG A 74 15.93 -8.12 -4.83
N ASP A 75 16.18 -8.77 -3.69
CA ASP A 75 16.42 -10.21 -3.66
C ASP A 75 15.64 -10.82 -2.51
N ASP A 76 14.68 -11.70 -2.84
CA ASP A 76 13.81 -12.31 -1.84
C ASP A 76 14.45 -13.49 -1.13
N SER A 77 15.46 -14.12 -1.72
CA SER A 77 16.08 -15.29 -1.10
C SER A 77 16.89 -14.88 0.13
N LYS A 78 17.70 -13.83 0.02
CA LYS A 78 18.50 -13.33 1.11
C LYS A 78 17.82 -12.20 1.88
N ASN A 79 16.59 -11.84 1.49
CA ASN A 79 15.78 -10.80 2.15
C ASN A 79 16.50 -9.45 2.13
N THR A 80 16.94 -9.04 0.95
CA THR A 80 17.75 -7.83 0.80
C THR A 80 17.11 -6.86 -0.18
N LEU A 81 17.25 -5.58 0.13
CA LEU A 81 16.88 -4.51 -0.79
C LEU A 81 18.13 -3.64 -0.99
N PHE A 82 18.57 -3.51 -2.22
CA PHE A 82 19.86 -2.91 -2.54
C PHE A 82 19.68 -1.59 -3.27
N LEU A 83 20.50 -0.61 -2.90
CA LEU A 83 20.56 0.67 -3.60
C LEU A 83 22.01 0.94 -3.99
N GLN A 84 22.27 1.07 -5.29
CA GLN A 84 23.61 1.30 -5.80
C GLN A 84 23.71 2.73 -6.31
N MET A 85 24.72 3.46 -5.85
CA MET A 85 24.93 4.85 -6.22
C MET A 85 26.21 4.99 -7.01
N SER A 86 26.12 5.62 -8.19
CA SER A 86 27.27 5.88 -9.04
C SER A 86 27.14 7.29 -9.60
N SER A 87 28.29 7.86 -9.98
CA SER A 87 28.41 9.23 -10.47
C SER A 87 27.82 10.22 -9.47
N LEU A 88 28.43 10.27 -8.29
CA LEU A 88 27.90 11.02 -7.18
C LEU A 88 28.12 12.52 -7.37
N LYS A 89 27.27 13.30 -6.69
CA LYS A 89 27.37 14.76 -6.67
C LYS A 89 27.61 15.22 -5.24
N THR A 90 27.89 16.52 -5.11
CA THR A 90 28.21 17.11 -3.82
C THR A 90 27.00 17.27 -2.91
N GLU A 91 25.79 17.07 -3.41
CA GLU A 91 24.57 17.27 -2.64
C GLU A 91 24.00 15.97 -2.09
N ASP A 92 24.76 14.89 -2.12
CA ASP A 92 24.28 13.58 -1.70
C ASP A 92 24.60 13.25 -0.25
N THR A 93 25.15 14.20 0.51
CA THR A 93 25.43 14.00 1.93
C THR A 93 24.11 14.03 2.69
N ALA A 94 23.62 12.86 3.11
CA ALA A 94 22.28 12.78 3.67
C ALA A 94 22.15 11.53 4.53
N VAL A 95 21.06 11.48 5.32
CA VAL A 95 20.61 10.25 5.95
C VAL A 95 19.71 9.52 4.95
N TYR A 96 19.75 8.20 5.00
CA TYR A 96 18.97 7.37 4.10
C TYR A 96 18.13 6.38 4.90
N TYR A 97 16.87 6.22 4.48
CA TYR A 97 15.94 5.29 5.08
C TYR A 97 15.38 4.37 4.01
N CYS A 98 15.24 3.08 4.36
CA CYS A 98 14.41 2.15 3.61
C CYS A 98 13.07 2.05 4.35
N THR A 99 11.98 2.20 3.62
CA THR A 99 10.66 2.35 4.21
C THR A 99 9.68 1.41 3.52
N THR A 100 8.99 0.59 4.30
CA THR A 100 7.94 -0.25 3.77
C THR A 100 6.66 0.57 3.60
N GLY A 101 6.09 0.53 2.41
CA GLY A 101 4.87 1.29 2.16
C GLY A 101 3.67 0.78 2.92
N VAL A 102 3.51 -0.55 2.98
CA VAL A 102 2.29 -1.16 3.49
C VAL A 102 2.67 -2.20 4.54
N ASP A 103 2.25 -1.97 5.78
CA ASP A 103 2.16 -3.04 6.76
C ASP A 103 0.75 -3.16 7.32
N ILE A 104 0.19 -2.10 7.90
CA ILE A 104 -1.21 -2.06 8.34
C ILE A 104 -1.79 -0.72 7.89
N VAL A 105 -2.40 -0.70 6.70
CA VAL A 105 -2.97 0.52 6.13
C VAL A 105 -4.25 0.19 5.39
N VAL A 106 -5.02 1.24 5.08
CA VAL A 106 -6.12 1.15 4.14
C VAL A 106 -5.74 1.93 2.89
N MET A 107 -5.85 1.28 1.75
CA MET A 107 -5.23 1.76 0.50
C MET A 107 -6.12 2.72 -0.28
N MET A 108 -7.24 2.21 -0.81
CA MET A 108 -8.15 2.86 -1.75
C MET A 108 -7.51 3.29 -3.07
N TYR A 109 -6.20 3.09 -3.21
CA TYR A 109 -5.29 3.66 -4.20
C TYR A 109 -4.15 2.68 -4.40
N ALA A 110 -3.06 3.16 -5.01
CA ALA A 110 -1.83 2.39 -5.02
C ALA A 110 -1.32 2.18 -3.60
N ASP A 111 -0.73 1.01 -3.36
CA ASP A 111 -0.41 0.54 -2.01
C ASP A 111 0.85 1.23 -1.50
N ASP A 112 0.68 2.46 -1.02
CA ASP A 112 1.80 3.23 -0.46
C ASP A 112 1.26 4.20 0.58
N ALA A 113 1.61 3.98 1.85
CA ALA A 113 1.34 4.94 2.90
C ALA A 113 2.48 5.08 3.91
N PHE A 114 3.57 4.33 3.75
CA PHE A 114 4.81 4.46 4.51
C PHE A 114 4.57 4.24 6.01
N ASP A 115 4.19 3.00 6.33
CA ASP A 115 3.83 2.65 7.70
C ASP A 115 5.06 2.57 8.61
N ILE A 116 5.96 1.64 8.32
CA ILE A 116 7.13 1.41 9.17
C ILE A 116 8.39 1.87 8.45
N TRP A 117 9.27 2.54 9.18
CA TRP A 117 10.48 3.15 8.66
C TRP A 117 11.70 2.43 9.23
N GLY A 118 12.88 2.96 8.91
CA GLY A 118 14.13 2.37 9.34
C GLY A 118 14.96 3.33 10.17
N GLN A 119 16.05 2.80 10.73
CA GLN A 119 16.92 3.60 11.58
C GLN A 119 17.81 4.53 10.77
N GLY A 120 18.12 4.19 9.52
CA GLY A 120 18.74 5.11 8.58
C GLY A 120 20.25 5.29 8.75
N THR A 121 20.95 5.48 7.63
CA THR A 121 22.40 5.52 7.65
C THR A 121 22.93 6.82 7.07
N MET A 122 24.12 7.20 7.53
CA MET A 122 24.86 8.34 6.99
C MET A 122 25.41 8.02 5.61
N VAL A 123 25.48 9.05 4.77
CA VAL A 123 26.34 9.03 3.60
C VAL A 123 26.87 10.44 3.38
N THR A 124 28.16 10.54 3.10
CA THR A 124 28.84 11.82 2.93
C THR A 124 29.67 11.76 1.65
N VAL A 125 29.38 12.67 0.72
CA VAL A 125 30.11 12.72 -0.54
C VAL A 125 30.85 14.04 -0.67
N GLU B 1 4.25 20.43 -6.06
CA GLU B 1 4.99 20.89 -4.89
C GLU B 1 4.04 21.37 -3.80
N LEU B 2 4.21 20.84 -2.59
CA LEU B 2 3.37 21.22 -1.48
C LEU B 2 3.91 22.49 -0.82
N THR B 3 3.06 23.12 -0.01
CA THR B 3 3.38 24.36 0.66
C THR B 3 2.98 24.27 2.13
N GLN B 4 3.87 24.70 3.02
CA GLN B 4 3.61 24.70 4.44
C GLN B 4 4.26 25.93 5.08
N ASP B 5 3.66 26.41 6.15
CA ASP B 5 4.27 27.47 6.93
C ASP B 5 5.42 26.92 7.77
N PRO B 6 6.43 27.76 8.09
CA PRO B 6 7.58 27.25 8.86
C PRO B 6 7.23 26.80 10.26
N ALA B 7 6.43 27.56 11.01
CA ALA B 7 6.11 27.20 12.39
C ALA B 7 4.77 27.79 12.78
N VAL B 8 4.12 27.13 13.74
CA VAL B 8 2.85 27.58 14.29
C VAL B 8 3.02 27.71 15.81
N SER B 9 2.54 28.81 16.37
CA SER B 9 2.66 29.07 17.80
C SER B 9 1.27 29.00 18.43
N VAL B 10 0.99 27.91 19.12
CA VAL B 10 -0.28 27.69 19.81
C VAL B 10 0.02 27.36 21.27
N ALA B 11 -0.68 28.01 22.19
CA ALA B 11 -0.48 27.77 23.60
C ALA B 11 -1.04 26.40 24.00
N LEU B 12 -0.72 25.98 25.21
CA LEU B 12 -1.10 24.66 25.69
C LEU B 12 -2.61 24.58 25.93
N GLY B 13 -3.16 23.39 25.67
CA GLY B 13 -4.58 23.15 25.87
C GLY B 13 -5.48 23.71 24.79
N GLN B 14 -4.93 24.23 23.71
CA GLN B 14 -5.70 24.85 22.65
C GLN B 14 -5.56 24.04 21.37
N THR B 15 -6.62 24.02 20.57
CA THR B 15 -6.63 23.26 19.32
C THR B 15 -5.61 23.83 18.34
N VAL B 16 -4.77 22.95 17.79
CA VAL B 16 -3.74 23.33 16.84
C VAL B 16 -4.18 22.90 15.45
N ARG B 17 -4.09 23.81 14.49
CA ARG B 17 -4.51 23.56 13.12
C ARG B 17 -3.27 23.67 12.22
N ILE B 18 -2.98 22.60 11.48
CA ILE B 18 -1.80 22.54 10.61
C ILE B 18 -2.27 22.41 9.18
N THR B 19 -1.75 23.25 8.29
CA THR B 19 -2.20 23.31 6.91
C THR B 19 -1.18 22.71 5.95
N CYS B 20 -1.67 22.36 4.76
CA CYS B 20 -0.86 21.88 3.66
C CYS B 20 -1.56 22.26 2.37
N GLN B 21 -0.84 22.96 1.50
CA GLN B 21 -1.39 23.51 0.26
C GLN B 21 -0.80 22.76 -0.93
N GLY B 22 -1.67 22.34 -1.85
CA GLY B 22 -1.23 21.65 -3.04
C GLY B 22 -2.30 21.69 -4.10
N ASP B 23 -1.86 21.68 -5.36
CA ASP B 23 -2.81 21.77 -6.47
C ASP B 23 -3.53 20.44 -6.69
N SER B 24 -2.88 19.32 -6.43
CA SER B 24 -3.42 17.99 -6.72
C SER B 24 -3.86 17.25 -5.47
N LEU B 25 -4.49 17.94 -4.52
CA LEU B 25 -5.01 17.29 -3.32
C LEU B 25 -6.47 16.89 -3.44
N ARG B 26 -7.12 17.18 -4.57
CA ARG B 26 -8.50 16.72 -4.77
C ARG B 26 -8.55 15.20 -4.86
N SER B 27 -7.62 14.60 -5.58
CA SER B 27 -7.31 13.18 -5.49
C SER B 27 -5.98 13.04 -4.75
N TYR B 28 -5.58 11.79 -4.50
CA TYR B 28 -4.30 11.45 -3.86
C TYR B 28 -4.18 12.12 -2.48
N TYR B 29 -5.05 11.66 -1.58
CA TYR B 29 -5.22 12.29 -0.28
C TYR B 29 -3.93 12.25 0.54
N ALA B 30 -3.65 13.37 1.21
CA ALA B 30 -2.38 13.54 1.89
C ALA B 30 -2.28 12.66 3.13
N SER B 31 -1.05 12.35 3.52
CA SER B 31 -0.75 11.62 4.75
C SER B 31 0.22 12.44 5.57
N TRP B 32 0.06 12.40 6.89
CA TRP B 32 0.81 13.21 7.82
C TRP B 32 1.72 12.35 8.68
N TYR B 33 3.01 12.67 8.66
CA TYR B 33 4.04 12.02 9.46
C TYR B 33 4.62 13.01 10.45
N GLN B 34 5.07 12.48 11.58
CA GLN B 34 5.70 13.29 12.63
C GLN B 34 7.15 12.85 12.82
N GLN B 35 8.05 13.82 12.85
CA GLN B 35 9.47 13.57 13.09
C GLN B 35 9.86 14.21 14.42
N LYS B 36 10.35 13.40 15.33
CA LYS B 36 10.93 13.86 16.58
C LYS B 36 12.35 14.37 16.33
N PRO B 37 12.91 15.17 17.24
CA PRO B 37 14.31 15.58 17.10
C PRO B 37 15.25 14.39 17.22
N GLY B 38 16.00 14.13 16.15
CA GLY B 38 16.94 13.02 16.12
C GLY B 38 16.30 11.65 16.16
N GLN B 39 15.22 11.45 15.42
CA GLN B 39 14.51 10.17 15.38
C GLN B 39 13.95 9.95 13.98
N ALA B 40 13.69 8.68 13.68
CA ALA B 40 13.06 8.33 12.41
C ALA B 40 11.61 8.82 12.38
N PRO B 41 11.11 9.21 11.21
CA PRO B 41 9.71 9.64 11.11
C PRO B 41 8.75 8.50 11.40
N VAL B 42 7.62 8.86 12.00
CA VAL B 42 6.59 7.90 12.37
C VAL B 42 5.28 8.30 11.72
N LEU B 43 4.41 7.30 11.50
CA LEU B 43 3.11 7.55 10.90
C LEU B 43 2.16 8.14 11.92
N VAL B 44 1.36 9.11 11.48
CA VAL B 44 0.35 9.71 12.34
C VAL B 44 -1.03 9.57 11.70
N ILE B 45 -1.20 10.08 10.48
CA ILE B 45 -2.50 10.03 9.81
C ILE B 45 -2.27 9.62 8.37
N TYR B 46 -3.12 8.73 7.86
CA TYR B 46 -3.12 8.38 6.44
C TYR B 46 -4.57 8.22 5.99
N GLY B 47 -4.73 7.85 4.72
CA GLY B 47 -6.02 7.46 4.20
C GLY B 47 -7.03 8.61 4.17
N LYS B 48 -8.29 8.26 4.38
CA LYS B 48 -9.37 9.24 4.36
C LYS B 48 -9.39 10.06 5.64
N ASN B 49 -9.62 9.40 6.78
CA ASN B 49 -9.72 10.11 8.05
C ASN B 49 -9.18 9.33 9.24
N ASN B 50 -8.51 8.20 9.03
CA ASN B 50 -8.15 7.31 10.12
C ASN B 50 -6.65 7.34 10.39
N ARG B 51 -6.26 6.69 11.48
CA ARG B 51 -4.92 6.69 12.02
C ARG B 51 -4.53 5.26 12.39
N PRO B 52 -3.22 4.97 12.43
CA PRO B 52 -2.80 3.63 12.90
C PRO B 52 -3.08 3.43 14.37
N SER B 53 -3.22 2.17 14.76
CA SER B 53 -3.46 1.82 16.15
C SER B 53 -2.24 2.14 17.01
N GLY B 54 -2.50 2.50 18.26
CA GLY B 54 -1.49 2.95 19.17
C GLY B 54 -1.29 4.45 19.22
N ILE B 55 -1.76 5.17 18.21
CA ILE B 55 -1.73 6.63 18.23
C ILE B 55 -2.89 7.13 19.09
N PRO B 56 -2.63 8.00 20.08
CA PRO B 56 -3.73 8.49 20.91
C PRO B 56 -4.71 9.35 20.13
N ASP B 57 -5.97 9.34 20.58
CA ASP B 57 -7.07 9.98 19.88
C ASP B 57 -7.01 11.50 20.10
N ARG B 58 -6.01 12.12 19.49
CA ARG B 58 -5.85 13.57 19.53
C ARG B 58 -5.61 14.19 18.16
N PHE B 59 -5.19 13.42 17.16
CA PHE B 59 -4.92 13.92 15.83
C PHE B 59 -6.06 13.50 14.90
N SER B 60 -6.63 14.47 14.19
CA SER B 60 -7.67 14.19 13.20
C SER B 60 -7.30 14.88 11.89
N GLY B 61 -7.84 14.37 10.80
CA GLY B 61 -7.53 14.88 9.48
C GLY B 61 -8.75 15.44 8.79
N SER B 62 -8.52 16.42 7.93
CA SER B 62 -9.58 17.00 7.12
C SER B 62 -8.99 17.46 5.79
N SER B 63 -9.83 17.46 4.76
CA SER B 63 -9.39 17.86 3.43
C SER B 63 -10.54 18.54 2.72
N SER B 64 -10.24 19.62 2.01
CA SER B 64 -11.25 20.37 1.27
C SER B 64 -10.60 20.90 -0.01
N GLY B 65 -10.91 20.26 -1.13
CA GLY B 65 -10.42 20.68 -2.43
C GLY B 65 -8.91 20.64 -2.56
N ASN B 66 -8.29 21.82 -2.58
CA ASN B 66 -6.85 21.96 -2.65
C ASN B 66 -6.20 22.20 -1.29
N THR B 67 -6.92 21.95 -0.19
CA THR B 67 -6.42 22.19 1.15
C THR B 67 -6.42 20.89 1.94
N ALA B 68 -5.36 20.66 2.70
CA ALA B 68 -5.31 19.57 3.66
C ALA B 68 -4.96 20.12 5.02
N SER B 69 -5.48 19.50 6.08
CA SER B 69 -5.25 20.05 7.41
C SER B 69 -5.34 18.96 8.46
N LEU B 70 -4.54 19.14 9.51
CA LEU B 70 -4.52 18.26 10.68
C LEU B 70 -4.94 19.06 11.89
N THR B 71 -5.67 18.41 12.79
CA THR B 71 -6.24 19.04 13.97
C THR B 71 -5.75 18.30 15.22
N ILE B 72 -5.18 19.06 16.16
CA ILE B 72 -4.76 18.54 17.45
C ILE B 72 -5.66 19.12 18.52
N THR B 73 -6.26 18.25 19.33
CA THR B 73 -7.15 18.65 20.41
C THR B 73 -6.46 18.35 21.74
N GLY B 74 -6.13 19.40 22.49
CA GLY B 74 -5.50 19.26 23.79
C GLY B 74 -4.09 18.73 23.71
N PRO B 75 -3.16 19.54 23.21
CA PRO B 75 -1.77 19.08 23.06
C PRO B 75 -1.04 19.05 24.38
N GLN B 76 -0.13 18.10 24.50
CA GLN B 76 0.71 17.93 25.67
C GLN B 76 2.10 18.49 25.39
N ALA B 77 3.02 18.27 26.34
CA ALA B 77 4.38 18.78 26.21
C ALA B 77 5.27 17.91 25.34
N GLU B 78 4.79 16.76 24.87
CA GLU B 78 5.58 15.83 24.09
C GLU B 78 5.32 15.92 22.59
N ASP B 79 4.58 16.93 22.14
CA ASP B 79 4.24 17.08 20.74
C ASP B 79 5.07 18.14 20.03
N GLU B 80 6.16 18.59 20.64
CA GLU B 80 7.09 19.53 19.99
C GLU B 80 7.89 18.76 18.96
N ALA B 81 7.48 18.86 17.68
CA ALA B 81 8.04 18.00 16.64
C ALA B 81 7.75 18.63 15.29
N ASP B 82 8.24 17.97 14.23
CA ASP B 82 8.03 18.43 12.87
C ASP B 82 6.95 17.57 12.21
N TYR B 83 6.17 18.19 11.33
CA TYR B 83 5.05 17.52 10.68
C TYR B 83 5.19 17.66 9.17
N TYR B 84 4.94 16.56 8.46
CA TYR B 84 5.12 16.51 7.01
C TYR B 84 3.88 15.93 6.36
N CYS B 85 3.41 16.60 5.30
CA CYS B 85 2.28 16.13 4.51
C CYS B 85 2.78 15.52 3.21
N THR B 86 2.04 14.54 2.71
CA THR B 86 2.46 13.76 1.55
C THR B 86 1.29 13.56 0.60
N SER B 87 1.52 13.83 -0.68
CA SER B 87 0.52 13.60 -1.72
C SER B 87 1.20 12.93 -2.91
N ARG B 88 0.44 12.72 -3.98
CA ARG B 88 0.94 12.11 -5.20
C ARG B 88 0.65 13.00 -6.38
N ASP B 89 1.54 12.99 -7.37
CA ASP B 89 1.25 13.65 -8.63
C ASP B 89 0.48 12.72 -9.56
N SER B 90 -0.24 13.31 -10.51
CA SER B 90 -1.13 12.53 -11.37
C SER B 90 -0.36 11.69 -12.38
N SER B 91 0.71 12.24 -12.96
CA SER B 91 1.35 11.57 -14.08
C SER B 91 2.33 10.48 -13.63
N GLY B 92 3.36 10.86 -12.89
CA GLY B 92 4.45 9.96 -12.58
C GLY B 92 4.26 9.04 -11.40
N ASN B 93 3.23 9.25 -10.59
CA ASN B 93 2.96 8.50 -9.36
C ASN B 93 4.17 8.51 -8.42
N HIS B 94 4.59 9.71 -8.06
CA HIS B 94 5.66 9.93 -7.10
C HIS B 94 5.08 10.48 -5.81
N VAL B 95 5.83 10.32 -4.71
CA VAL B 95 5.31 10.73 -3.41
C VAL B 95 5.65 12.17 -3.04
N ILE B 96 6.45 12.86 -3.85
CA ILE B 96 6.78 14.28 -3.84
C ILE B 96 7.15 14.89 -2.48
N PHE B 97 6.42 14.56 -1.41
CA PHE B 97 6.53 15.15 -0.07
C PHE B 97 6.34 16.65 -0.05
N GLY B 98 6.57 17.27 1.11
CA GLY B 98 6.38 18.70 1.25
C GLY B 98 7.53 19.38 1.97
N GLY B 99 7.32 20.62 2.42
CA GLY B 99 8.36 21.36 3.09
C GLY B 99 8.44 21.10 4.58
N GLY B 100 7.34 20.61 5.17
CA GLY B 100 7.29 20.35 6.58
C GLY B 100 6.97 21.60 7.39
N THR B 101 6.72 21.39 8.68
CA THR B 101 6.44 22.48 9.60
C THR B 101 6.91 22.07 10.99
N LYS B 102 7.08 23.06 11.86
CA LYS B 102 7.55 22.85 13.21
C LYS B 102 6.48 23.25 14.21
N LEU B 103 6.36 22.49 15.30
CA LEU B 103 5.43 22.80 16.36
C LEU B 103 6.16 22.73 17.69
N THR B 104 6.06 23.80 18.47
CA THR B 104 6.80 23.97 19.73
C THR B 104 5.84 24.14 20.89
N VAL B 105 6.40 24.12 22.10
CA VAL B 105 5.64 24.20 23.34
C VAL B 105 5.86 25.59 23.93
N LEU B 106 4.77 26.29 24.23
CA LEU B 106 4.80 27.67 24.71
C LEU B 106 4.44 27.79 26.18
N GLY B 107 4.88 26.85 27.01
CA GLY B 107 4.66 26.93 28.45
C GLY B 107 5.74 27.76 29.11
N GLN B 108 5.88 27.55 30.42
CA GLN B 108 6.91 28.23 31.20
C GLN B 108 8.28 27.62 30.93
N PRO C 1 -12.84 6.18 -27.10
CA PRO C 1 -13.76 5.40 -27.93
C PRO C 1 -13.42 5.46 -29.41
N ASN C 2 -12.39 4.73 -29.82
CA ASN C 2 -11.94 4.68 -31.21
C ASN C 2 -12.11 3.31 -31.89
N ILE C 3 -11.65 2.17 -31.34
CA ILE C 3 -10.93 1.96 -30.06
C ILE C 3 -9.48 1.54 -30.30
N THR C 4 -8.56 2.30 -29.69
CA THR C 4 -7.14 1.99 -29.76
C THR C 4 -6.50 2.07 -28.38
N ASN C 5 -7.06 2.89 -27.50
CA ASN C 5 -6.47 3.14 -26.19
C ASN C 5 -7.09 2.21 -25.13
N LEU C 6 -6.96 0.92 -25.38
CA LEU C 6 -7.40 -0.10 -24.43
C LEU C 6 -6.37 -0.21 -23.31
N CYS C 7 -6.81 0.03 -22.07
CA CYS C 7 -5.95 -0.21 -20.93
C CYS C 7 -5.69 -1.71 -20.79
N PRO C 8 -4.54 -2.10 -20.28
CA PRO C 8 -4.24 -3.53 -20.16
C PRO C 8 -5.02 -4.20 -19.03
N PHE C 9 -6.31 -4.45 -19.23
CA PHE C 9 -7.10 -5.21 -18.29
C PHE C 9 -7.25 -6.67 -18.71
N ASP C 10 -6.46 -7.12 -19.68
CA ASP C 10 -6.49 -8.53 -20.05
C ASP C 10 -5.64 -9.35 -19.10
N GLU C 11 -4.47 -8.85 -18.72
CA GLU C 11 -3.57 -9.63 -17.87
C GLU C 11 -4.00 -9.65 -16.41
N VAL C 12 -4.85 -8.71 -15.97
CA VAL C 12 -5.39 -8.80 -14.63
C VAL C 12 -6.40 -9.94 -14.55
N PHE C 13 -6.96 -10.35 -15.69
CA PHE C 13 -7.82 -11.52 -15.76
C PHE C 13 -7.07 -12.77 -16.19
N ASN C 14 -5.87 -12.63 -16.75
CA ASN C 14 -5.13 -13.80 -17.24
C ASN C 14 -3.64 -13.48 -17.14
N ALA C 15 -3.01 -13.93 -16.04
CA ALA C 15 -1.60 -13.70 -15.82
C ALA C 15 -0.88 -15.00 -15.46
N THR C 16 0.40 -14.87 -15.07
CA THR C 16 1.18 -16.05 -14.68
C THR C 16 0.82 -16.51 -13.27
N ARG C 17 1.02 -15.64 -12.29
CA ARG C 17 0.86 -16.02 -10.89
C ARG C 17 -0.04 -15.01 -10.19
N PHE C 18 -1.16 -15.49 -9.65
CA PHE C 18 -2.04 -14.66 -8.85
C PHE C 18 -1.53 -14.54 -7.42
N ALA C 19 -1.73 -13.37 -6.83
CA ALA C 19 -1.32 -13.14 -5.46
C ALA C 19 -2.20 -13.92 -4.50
N SER C 20 -1.65 -14.24 -3.33
CA SER C 20 -2.41 -14.97 -2.32
C SER C 20 -3.43 -14.04 -1.68
N VAL C 21 -4.35 -14.64 -0.92
CA VAL C 21 -5.50 -13.89 -0.41
C VAL C 21 -5.08 -12.89 0.66
N TYR C 22 -4.10 -13.26 1.51
CA TYR C 22 -3.64 -12.34 2.54
C TYR C 22 -2.84 -11.17 1.97
N ALA C 23 -2.22 -11.35 0.81
CA ALA C 23 -1.40 -10.32 0.19
C ALA C 23 -1.93 -9.98 -1.20
N TRP C 24 -3.23 -9.75 -1.30
CA TRP C 24 -3.90 -9.59 -2.59
C TRP C 24 -3.40 -8.36 -3.33
N ASN C 25 -3.63 -8.34 -4.64
CA ASN C 25 -3.06 -7.31 -5.50
C ASN C 25 -4.12 -6.32 -5.95
N ARG C 26 -3.69 -5.08 -6.19
CA ARG C 26 -4.57 -4.01 -6.65
C ARG C 26 -3.93 -3.32 -7.85
N LYS C 27 -4.76 -3.00 -8.85
CA LYS C 27 -4.32 -2.33 -10.06
C LYS C 27 -5.24 -1.16 -10.35
N ARG C 28 -4.66 -0.08 -10.86
CA ARG C 28 -5.33 1.21 -11.02
C ARG C 28 -5.48 1.50 -12.50
N ILE C 29 -6.67 1.92 -12.91
CA ILE C 29 -7.01 2.11 -14.32
C ILE C 29 -7.34 3.57 -14.56
N SER C 30 -6.67 4.18 -15.54
CA SER C 30 -6.87 5.58 -15.87
C SER C 30 -6.70 5.79 -17.37
N ASN C 31 -7.55 6.66 -17.92
CA ASN C 31 -7.49 7.11 -19.32
C ASN C 31 -7.57 5.92 -20.29
N CYS C 32 -8.73 5.28 -20.26
CA CYS C 32 -8.94 4.03 -20.98
C CYS C 32 -10.39 3.94 -21.45
N VAL C 33 -10.62 2.97 -22.35
CA VAL C 33 -11.96 2.65 -22.81
C VAL C 33 -12.35 1.28 -22.26
N ALA C 34 -13.47 1.24 -21.54
CA ALA C 34 -13.82 0.09 -20.70
C ALA C 34 -14.79 -0.80 -21.44
N ASP C 35 -14.26 -1.75 -22.20
CA ASP C 35 -15.07 -2.71 -22.95
C ASP C 35 -15.09 -4.03 -22.18
N TYR C 36 -16.16 -4.24 -21.42
CA TYR C 36 -16.37 -5.49 -20.70
C TYR C 36 -17.10 -6.54 -21.53
N SER C 37 -17.46 -6.21 -22.78
CA SER C 37 -18.21 -7.16 -23.60
C SER C 37 -17.36 -8.33 -24.03
N VAL C 38 -16.04 -8.15 -24.13
CA VAL C 38 -15.15 -9.26 -24.46
C VAL C 38 -15.06 -10.23 -23.30
N LEU C 39 -15.32 -9.78 -22.08
CA LEU C 39 -15.22 -10.63 -20.90
C LEU C 39 -16.57 -11.25 -20.54
N TYR C 40 -17.66 -10.51 -20.74
CA TYR C 40 -18.98 -11.04 -20.40
C TYR C 40 -19.34 -12.19 -21.34
N ASN C 41 -19.03 -12.06 -22.62
CA ASN C 41 -19.33 -13.09 -23.59
C ASN C 41 -18.34 -14.25 -23.56
N LEU C 42 -17.30 -14.17 -22.74
CA LEU C 42 -16.32 -15.24 -22.66
C LEU C 42 -16.86 -16.39 -21.81
N ALA C 43 -16.46 -17.61 -22.15
CA ALA C 43 -17.09 -18.80 -21.59
C ALA C 43 -16.77 -19.06 -20.13
N PRO C 44 -15.51 -19.33 -19.73
CA PRO C 44 -15.28 -20.08 -18.49
C PRO C 44 -15.37 -19.27 -17.21
N PHE C 45 -15.92 -18.06 -17.22
CA PHE C 45 -16.16 -17.34 -15.97
C PHE C 45 -17.38 -17.94 -15.28
N PHE C 46 -17.14 -18.59 -14.14
CA PHE C 46 -18.19 -19.31 -13.43
C PHE C 46 -19.11 -18.38 -12.65
N THR C 47 -18.60 -17.28 -12.12
CA THR C 47 -19.40 -16.41 -11.27
C THR C 47 -19.20 -14.96 -11.64
N PHE C 48 -20.33 -14.23 -11.72
CA PHE C 48 -20.45 -12.84 -12.18
C PHE C 48 -21.50 -12.18 -11.29
N LYS C 49 -21.05 -11.50 -10.22
CA LYS C 49 -22.01 -10.98 -9.26
C LYS C 49 -21.73 -9.52 -8.93
N CYS C 50 -22.77 -8.69 -8.98
CA CYS C 50 -22.68 -7.33 -8.42
C CYS C 50 -24.03 -6.76 -8.06
N TYR C 51 -23.95 -5.68 -7.27
CA TYR C 51 -25.00 -5.18 -6.41
C TYR C 51 -25.37 -3.74 -6.71
N GLY C 52 -24.39 -2.88 -6.98
CA GLY C 52 -24.64 -1.47 -7.17
C GLY C 52 -25.03 -1.08 -8.59
N VAL C 53 -24.34 -1.65 -9.57
CA VAL C 53 -24.56 -1.34 -10.97
C VAL C 53 -25.16 -2.54 -11.66
N SER C 54 -25.77 -2.29 -12.83
CA SER C 54 -26.47 -3.33 -13.56
C SER C 54 -25.46 -4.30 -14.18
N PRO C 55 -25.79 -5.60 -14.27
CA PRO C 55 -24.87 -6.55 -14.89
C PRO C 55 -24.64 -6.33 -16.38
N THR C 56 -25.62 -5.75 -17.09
CA THR C 56 -25.52 -5.60 -18.53
C THR C 56 -25.50 -4.15 -18.99
N LYS C 57 -25.83 -3.19 -18.12
CA LYS C 57 -25.85 -1.78 -18.46
C LYS C 57 -24.57 -1.11 -17.96
N LEU C 58 -23.53 -1.90 -17.76
CA LEU C 58 -22.27 -1.42 -17.21
C LEU C 58 -21.45 -0.62 -18.21
N ASN C 59 -21.80 -0.66 -19.50
CA ASN C 59 -21.15 0.16 -20.51
C ASN C 59 -21.86 1.50 -20.75
N ASP C 60 -23.04 1.70 -20.18
CA ASP C 60 -23.84 2.89 -20.45
C ASP C 60 -23.67 3.97 -19.40
N LEU C 61 -22.97 3.71 -18.30
CA LEU C 61 -22.63 4.73 -17.33
C LEU C 61 -21.12 4.87 -17.29
N CYS C 62 -20.65 6.09 -17.04
CA CYS C 62 -19.25 6.42 -17.24
C CYS C 62 -18.61 6.83 -15.91
N PHE C 63 -17.47 6.23 -15.60
CA PHE C 63 -16.80 6.39 -14.32
C PHE C 63 -15.59 7.30 -14.45
N THR C 64 -14.83 7.41 -13.35
CA THR C 64 -13.61 8.20 -13.31
C THR C 64 -12.37 7.37 -13.01
N ASN C 65 -12.48 6.37 -12.13
CA ASN C 65 -11.37 5.49 -11.77
C ASN C 65 -11.90 4.08 -11.65
N VAL C 66 -11.02 3.11 -11.91
CA VAL C 66 -11.38 1.70 -11.81
C VAL C 66 -10.24 0.97 -11.09
N TYR C 67 -10.58 0.23 -10.04
CA TYR C 67 -9.63 -0.54 -9.28
C TYR C 67 -9.90 -2.02 -9.48
N ALA C 68 -8.90 -2.76 -9.94
CA ALA C 68 -9.02 -4.19 -10.17
C ALA C 68 -8.26 -4.91 -9.07
N ASP C 69 -8.96 -5.75 -8.32
CA ASP C 69 -8.40 -6.45 -7.17
C ASP C 69 -8.33 -7.93 -7.51
N SER C 70 -7.17 -8.53 -7.31
CA SER C 70 -6.97 -9.91 -7.75
C SER C 70 -6.37 -10.75 -6.63
N PHE C 71 -6.91 -11.96 -6.48
CA PHE C 71 -6.35 -12.97 -5.58
C PHE C 71 -6.92 -14.34 -5.97
N VAL C 72 -6.58 -15.35 -5.18
CA VAL C 72 -7.04 -16.72 -5.40
C VAL C 72 -7.45 -17.32 -4.06
N ILE C 73 -8.62 -17.96 -4.03
CA ILE C 73 -9.17 -18.54 -2.80
C ILE C 73 -9.73 -19.91 -3.08
N ARG C 74 -10.05 -20.63 -2.00
CA ARG C 74 -10.73 -21.91 -2.10
C ARG C 74 -12.16 -21.69 -2.59
N GLY C 75 -12.71 -22.73 -3.24
CA GLY C 75 -13.93 -22.55 -4.02
C GLY C 75 -15.18 -22.29 -3.21
N ASP C 76 -15.20 -22.66 -1.93
CA ASP C 76 -16.41 -22.52 -1.14
C ASP C 76 -16.64 -21.06 -0.77
N GLU C 77 -15.62 -20.40 -0.19
CA GLU C 77 -15.73 -19.04 0.30
C GLU C 77 -15.83 -17.98 -0.80
N VAL C 78 -15.99 -18.37 -2.07
CA VAL C 78 -16.51 -17.45 -3.07
C VAL C 78 -17.91 -17.00 -2.68
N ARG C 79 -18.66 -17.86 -1.98
CA ARG C 79 -19.89 -17.41 -1.33
C ARG C 79 -19.59 -16.33 -0.29
N GLN C 80 -18.46 -16.44 0.40
CA GLN C 80 -18.15 -15.61 1.56
C GLN C 80 -17.52 -14.27 1.18
N ILE C 81 -17.14 -14.07 -0.08
CA ILE C 81 -16.46 -12.83 -0.45
C ILE C 81 -17.43 -11.66 -0.56
N ALA C 82 -18.73 -11.93 -0.61
CA ALA C 82 -19.73 -10.87 -0.63
C ALA C 82 -19.74 -10.11 0.69
N PRO C 83 -20.09 -8.83 0.68
CA PRO C 83 -20.13 -8.06 1.93
C PRO C 83 -21.23 -8.55 2.87
N GLY C 84 -20.94 -8.52 4.16
CA GLY C 84 -21.92 -8.84 5.17
C GLY C 84 -21.61 -10.06 6.02
N GLN C 85 -21.11 -11.12 5.39
CA GLN C 85 -20.83 -12.34 6.13
C GLN C 85 -19.47 -12.25 6.83
N THR C 86 -19.22 -13.22 7.71
CA THR C 86 -18.00 -13.24 8.50
C THR C 86 -17.37 -14.62 8.54
N GLY C 87 -16.33 -14.78 9.36
CA GLY C 87 -15.60 -16.03 9.46
C GLY C 87 -14.16 -15.85 9.00
N ASN C 88 -13.59 -16.94 8.47
CA ASN C 88 -12.28 -16.84 7.87
C ASN C 88 -12.36 -16.07 6.56
N ILE C 89 -11.22 -15.50 6.15
CA ILE C 89 -11.01 -14.75 4.91
C ILE C 89 -11.83 -13.45 4.85
N ALA C 90 -13.13 -13.52 5.16
CA ALA C 90 -13.96 -12.32 5.20
C ALA C 90 -13.49 -11.35 6.29
N ASP C 91 -13.10 -11.89 7.45
CA ASP C 91 -12.67 -11.05 8.57
C ASP C 91 -11.15 -10.96 8.69
N TYR C 92 -10.42 -12.01 8.32
CA TYR C 92 -8.98 -12.05 8.59
C TYR C 92 -8.13 -11.75 7.36
N ASN C 93 -8.69 -11.85 6.15
CA ASN C 93 -7.90 -11.66 4.94
C ASN C 93 -8.40 -10.52 4.08
N TYR C 94 -9.69 -10.45 3.78
CA TYR C 94 -10.22 -9.46 2.85
C TYR C 94 -11.67 -9.18 3.20
N LYS C 95 -11.99 -7.91 3.46
CA LYS C 95 -13.33 -7.49 3.80
C LYS C 95 -13.79 -6.40 2.85
N LEU C 96 -15.03 -6.51 2.38
CA LEU C 96 -15.65 -5.50 1.54
C LEU C 96 -16.61 -4.65 2.35
N PRO C 97 -16.73 -3.36 2.07
CA PRO C 97 -17.64 -2.51 2.86
C PRO C 97 -19.10 -2.81 2.56
N ASP C 98 -19.97 -2.35 3.46
CA ASP C 98 -21.39 -2.57 3.29
C ASP C 98 -21.97 -1.76 2.12
N ASP C 99 -21.37 -0.62 1.81
CA ASP C 99 -21.78 0.20 0.68
C ASP C 99 -20.88 -0.01 -0.53
N PHE C 100 -20.37 -1.23 -0.70
CA PHE C 100 -19.48 -1.55 -1.81
C PHE C 100 -20.23 -1.53 -3.14
N THR C 101 -19.57 -1.02 -4.18
CA THR C 101 -20.08 -1.09 -5.53
C THR C 101 -18.98 -1.60 -6.45
N GLY C 102 -19.39 -2.38 -7.45
CA GLY C 102 -18.47 -3.08 -8.32
C GLY C 102 -18.78 -4.56 -8.40
N CYS C 103 -18.18 -5.20 -9.41
CA CYS C 103 -18.55 -6.57 -9.76
C CYS C 103 -17.43 -7.55 -9.49
N VAL C 104 -17.79 -8.65 -8.82
CA VAL C 104 -16.87 -9.72 -8.47
C VAL C 104 -16.97 -10.81 -9.53
N ILE C 105 -15.83 -11.40 -9.85
CA ILE C 105 -15.66 -12.38 -10.91
C ILE C 105 -14.93 -13.56 -10.31
N ALA C 106 -15.42 -14.77 -10.57
CA ALA C 106 -14.75 -15.96 -10.07
C ALA C 106 -14.70 -17.03 -11.15
N TRP C 107 -13.56 -17.69 -11.29
CA TRP C 107 -13.49 -18.81 -12.21
C TRP C 107 -12.58 -19.89 -11.66
N ASN C 108 -12.66 -21.07 -12.28
CA ASN C 108 -11.93 -22.24 -11.85
C ASN C 108 -10.51 -22.24 -12.43
N SER C 109 -9.63 -22.99 -11.75
CA SER C 109 -8.24 -23.17 -12.18
C SER C 109 -7.85 -24.63 -12.04
N ASN C 110 -8.68 -25.52 -12.60
CA ASN C 110 -8.47 -26.96 -12.48
C ASN C 110 -7.14 -27.39 -13.11
N LYS C 111 -6.85 -26.88 -14.30
CA LYS C 111 -5.66 -27.29 -15.05
C LYS C 111 -4.63 -26.16 -15.17
N LEU C 112 -4.56 -25.29 -14.18
CA LEU C 112 -3.56 -24.22 -14.16
C LEU C 112 -2.83 -24.08 -12.84
N ASP C 113 -3.33 -24.69 -11.75
CA ASP C 113 -2.70 -24.52 -10.45
C ASP C 113 -2.45 -25.83 -9.70
N SER C 114 -3.23 -26.88 -9.96
CA SER C 114 -3.06 -28.12 -9.21
C SER C 114 -1.79 -28.85 -9.66
N LYS C 115 -0.98 -29.24 -8.69
CA LYS C 115 0.28 -29.94 -8.93
C LYS C 115 0.27 -31.25 -8.18
N VAL C 116 0.82 -32.29 -8.81
CA VAL C 116 0.82 -33.62 -8.20
C VAL C 116 1.73 -33.65 -6.97
N SER C 117 2.78 -32.83 -6.95
CA SER C 117 3.66 -32.77 -5.78
C SER C 117 2.97 -32.10 -4.59
N GLY C 118 2.10 -31.13 -4.86
CA GLY C 118 1.44 -30.41 -3.79
C GLY C 118 1.96 -28.98 -3.65
N ASN C 119 1.08 -28.01 -3.80
CA ASN C 119 1.46 -26.60 -3.77
C ASN C 119 1.05 -25.99 -2.44
N TYR C 120 2.00 -25.32 -1.77
CA TYR C 120 1.76 -24.76 -0.45
C TYR C 120 2.00 -23.25 -0.39
N ASN C 121 2.29 -22.60 -1.51
CA ASN C 121 2.64 -21.19 -1.48
C ASN C 121 1.44 -20.27 -1.22
N TYR C 122 0.23 -20.75 -1.50
CA TYR C 122 -0.97 -19.95 -1.26
C TYR C 122 -1.32 -20.03 0.22
N LEU C 123 -1.21 -18.91 0.91
CA LEU C 123 -1.39 -18.85 2.35
C LEU C 123 -2.70 -18.15 2.70
N TYR C 124 -3.14 -18.36 3.94
CA TYR C 124 -4.26 -17.62 4.49
C TYR C 124 -4.04 -17.44 5.98
N ARG C 125 -4.71 -16.45 6.54
CA ARG C 125 -4.55 -16.07 7.94
C ARG C 125 -5.66 -16.69 8.78
N LEU C 126 -5.28 -17.31 9.90
CA LEU C 126 -6.23 -17.90 10.82
C LEU C 126 -6.30 -17.20 12.17
N PHE C 127 -5.34 -16.35 12.50
CA PHE C 127 -5.25 -15.79 13.85
C PHE C 127 -4.92 -14.30 13.74
N ARG C 128 -5.91 -13.46 14.06
CA ARG C 128 -5.72 -12.02 14.11
C ARG C 128 -6.38 -11.48 15.37
N LYS C 129 -5.66 -10.61 16.09
CA LYS C 129 -6.19 -10.06 17.34
C LYS C 129 -7.37 -9.12 17.07
N SER C 130 -7.20 -8.19 16.13
CA SER C 130 -8.22 -7.22 15.81
C SER C 130 -9.06 -7.70 14.62
N ASN C 131 -9.94 -6.83 14.14
CA ASN C 131 -10.77 -7.11 12.97
C ASN C 131 -10.37 -6.19 11.83
N LEU C 132 -10.38 -6.74 10.62
CA LEU C 132 -9.97 -5.97 9.45
C LEU C 132 -11.03 -4.96 9.06
N LYS C 133 -10.61 -3.70 8.93
CA LYS C 133 -11.43 -2.71 8.27
C LYS C 133 -11.48 -3.02 6.78
N PRO C 134 -12.52 -2.56 6.07
CA PRO C 134 -12.61 -2.84 4.63
C PRO C 134 -11.44 -2.24 3.84
N PHE C 135 -10.99 -3.00 2.85
CA PHE C 135 -9.88 -2.65 1.95
C PHE C 135 -8.59 -2.38 2.73
N GLU C 136 -8.09 -3.42 3.40
CA GLU C 136 -6.88 -3.32 4.19
C GLU C 136 -6.05 -4.59 4.04
N ARG C 137 -4.76 -4.45 3.74
CA ARG C 137 -3.82 -5.55 3.70
C ARG C 137 -3.19 -5.77 5.07
N ASP C 138 -2.60 -6.95 5.24
CA ASP C 138 -1.86 -7.28 6.45
C ASP C 138 -0.75 -8.25 6.07
N ILE C 139 0.50 -7.77 6.12
CA ILE C 139 1.64 -8.57 5.68
C ILE C 139 2.51 -9.00 6.86
N SER C 140 2.31 -8.42 8.05
CA SER C 140 3.15 -8.75 9.20
C SER C 140 2.93 -10.19 9.64
N THR C 141 4.03 -10.86 9.99
CA THR C 141 3.98 -12.28 10.32
C THR C 141 4.54 -12.54 11.72
N GLU C 142 4.13 -11.73 12.69
CA GLU C 142 4.49 -11.98 14.09
C GLU C 142 3.51 -12.98 14.70
N ILE C 143 4.05 -13.86 15.56
CA ILE C 143 3.28 -14.98 16.07
C ILE C 143 2.20 -14.48 17.04
N TYR C 144 1.07 -15.19 17.05
CA TYR C 144 -0.03 -14.88 17.95
C TYR C 144 0.36 -15.13 19.40
N GLN C 145 -0.10 -14.27 20.29
CA GLN C 145 0.01 -14.48 21.73
C GLN C 145 -1.38 -14.76 22.31
N ALA C 146 -1.45 -15.76 23.18
CA ALA C 146 -2.73 -16.26 23.68
C ALA C 146 -2.88 -15.88 25.16
N GLY C 147 -3.42 -14.69 25.40
CA GLY C 147 -3.80 -14.28 26.74
C GLY C 147 -2.65 -13.92 27.66
N ASN C 148 -1.82 -14.89 27.98
CA ASN C 148 -0.70 -14.73 28.90
C ASN C 148 0.44 -15.63 28.43
N LYS C 149 1.40 -15.91 29.32
CA LYS C 149 2.55 -16.80 29.18
C LYS C 149 3.60 -16.16 28.26
N PRO C 150 4.89 -16.45 28.44
CA PRO C 150 5.92 -15.61 27.80
C PRO C 150 6.16 -15.88 26.32
N CYS C 151 5.34 -16.66 25.62
CA CYS C 151 5.53 -16.76 24.18
C CYS C 151 4.99 -15.51 23.51
N ASN C 152 5.78 -14.44 23.53
CA ASN C 152 5.43 -13.18 22.90
C ASN C 152 6.30 -12.92 21.67
N GLY C 153 6.79 -13.98 21.04
CA GLY C 153 7.76 -13.87 19.97
C GLY C 153 8.84 -14.93 20.12
N VAL C 154 8.69 -15.78 21.13
CA VAL C 154 9.61 -16.89 21.35
C VAL C 154 9.33 -18.05 20.40
N ALA C 155 8.11 -18.13 19.88
CA ALA C 155 7.68 -19.14 18.90
C ALA C 155 7.82 -20.56 19.44
N GLY C 156 7.02 -20.83 20.47
CA GLY C 156 6.96 -22.15 21.06
C GLY C 156 5.56 -22.72 21.12
N PHE C 157 5.13 -23.14 22.31
CA PHE C 157 3.81 -23.70 22.53
C PHE C 157 2.86 -22.63 23.08
N ASN C 158 1.55 -22.91 23.01
CA ASN C 158 0.48 -22.00 23.39
C ASN C 158 0.51 -20.70 22.58
N CYS C 159 1.03 -20.78 21.36
CA CYS C 159 1.23 -19.63 20.49
C CYS C 159 1.43 -20.11 19.05
N TYR C 160 0.60 -19.62 18.14
CA TYR C 160 0.45 -20.22 16.82
C TYR C 160 0.83 -19.23 15.72
N PHE C 161 1.50 -19.74 14.68
CA PHE C 161 1.83 -18.92 13.52
C PHE C 161 0.55 -18.52 12.78
N PRO C 162 0.42 -17.28 12.34
CA PRO C 162 -0.85 -16.83 11.76
C PRO C 162 -1.05 -17.26 10.32
N LEU C 163 0.05 -17.39 9.57
CA LEU C 163 -0.04 -17.68 8.13
C LEU C 163 0.07 -19.19 7.93
N ARG C 164 -1.04 -19.81 7.52
CA ARG C 164 -1.05 -21.23 7.21
C ARG C 164 -1.17 -21.42 5.70
N SER C 165 -0.86 -22.65 5.26
CA SER C 165 -0.82 -22.97 3.84
C SER C 165 -2.06 -23.76 3.44
N TYR C 166 -2.50 -23.54 2.20
CA TYR C 166 -3.63 -24.27 1.64
C TYR C 166 -3.24 -25.71 1.34
N SER C 167 -4.22 -26.46 0.83
CA SER C 167 -4.00 -27.82 0.35
C SER C 167 -4.35 -27.83 -1.13
N PHE C 168 -3.33 -27.65 -1.97
CA PHE C 168 -3.54 -27.56 -3.41
C PHE C 168 -2.67 -28.56 -4.16
N ARG C 169 -3.29 -30.60 -6.60
CA ARG C 169 -3.38 -32.06 -6.55
C ARG C 169 -4.56 -32.55 -7.37
N PRO C 170 -4.33 -33.58 -8.21
CA PRO C 170 -5.42 -34.13 -9.02
C PRO C 170 -6.43 -34.94 -8.22
N THR C 171 -6.10 -35.35 -6.99
CA THR C 171 -6.99 -36.18 -6.19
C THR C 171 -8.07 -35.37 -5.49
N TYR C 172 -8.04 -34.04 -5.58
CA TYR C 172 -9.02 -33.21 -4.91
C TYR C 172 -10.26 -33.03 -5.78
N GLY C 173 -11.39 -32.79 -5.12
CA GLY C 173 -12.66 -32.62 -5.79
C GLY C 173 -13.19 -31.20 -5.69
N VAL C 174 -14.45 -31.04 -6.07
CA VAL C 174 -15.10 -29.74 -6.06
C VAL C 174 -15.29 -29.27 -4.62
N GLY C 175 -14.86 -28.05 -4.34
CA GLY C 175 -14.86 -27.50 -2.99
C GLY C 175 -13.48 -27.22 -2.44
N HIS C 176 -12.46 -27.94 -2.92
CA HIS C 176 -11.07 -27.69 -2.56
C HIS C 176 -10.25 -27.20 -3.74
N GLN C 177 -10.90 -26.81 -4.84
CA GLN C 177 -10.18 -26.38 -6.03
C GLN C 177 -9.84 -24.90 -5.94
N PRO C 178 -8.73 -24.48 -6.55
CA PRO C 178 -8.37 -23.05 -6.53
C PRO C 178 -9.24 -22.25 -7.49
N TYR C 179 -9.94 -21.25 -6.96
CA TYR C 179 -10.74 -20.33 -7.74
C TYR C 179 -10.04 -18.98 -7.77
N ARG C 180 -9.81 -18.46 -8.99
CA ARG C 180 -9.29 -17.11 -9.13
C ARG C 180 -10.44 -16.12 -9.01
N VAL C 181 -10.21 -15.04 -8.25
CA VAL C 181 -11.22 -14.04 -7.94
C VAL C 181 -10.66 -12.67 -8.28
N VAL C 182 -11.41 -11.90 -9.06
CA VAL C 182 -11.05 -10.51 -9.37
C VAL C 182 -12.29 -9.63 -9.18
N VAL C 183 -12.10 -8.53 -8.44
CA VAL C 183 -13.17 -7.62 -8.06
C VAL C 183 -12.90 -6.28 -8.72
N LEU C 184 -13.84 -5.80 -9.51
CA LEU C 184 -13.73 -4.49 -10.15
C LEU C 184 -14.55 -3.50 -9.36
N SER C 185 -13.89 -2.55 -8.71
CA SER C 185 -14.54 -1.50 -7.94
C SER C 185 -14.26 -0.16 -8.61
N PHE C 186 -15.00 0.87 -8.18
CA PHE C 186 -14.83 2.19 -8.79
C PHE C 186 -15.25 3.27 -7.80
N GLU C 187 -14.80 4.49 -8.08
CA GLU C 187 -15.13 5.67 -7.30
C GLU C 187 -15.62 6.78 -8.22
N LEU C 188 -16.45 7.66 -7.68
CA LEU C 188 -17.16 8.64 -8.49
C LEU C 188 -17.17 10.01 -7.82
N LEU C 189 -17.42 11.03 -8.65
CA LEU C 189 -17.82 12.38 -8.23
C LEU C 189 -16.72 13.08 -7.42
N HIS C 190 -15.48 12.95 -7.92
CA HIS C 190 -14.39 13.78 -7.42
C HIS C 190 -13.44 14.23 -8.51
N ALA C 191 -13.66 13.85 -9.77
CA ALA C 191 -12.72 14.11 -10.84
C ALA C 191 -13.47 14.04 -12.17
N PRO C 192 -12.92 14.62 -13.24
CA PRO C 192 -13.51 14.42 -14.57
C PRO C 192 -13.44 12.95 -14.99
N ALA C 193 -14.42 12.54 -15.78
CA ALA C 193 -14.53 11.15 -16.20
C ALA C 193 -13.40 10.78 -17.16
N THR C 194 -12.75 9.64 -16.88
CA THR C 194 -11.60 9.20 -17.68
C THR C 194 -11.83 7.83 -18.31
N VAL C 195 -12.32 6.85 -17.54
CA VAL C 195 -12.45 5.47 -18.00
C VAL C 195 -13.92 5.12 -18.12
N CYS C 196 -14.34 4.70 -19.32
CA CYS C 196 -15.65 4.16 -19.67
C CYS C 196 -15.65 3.75 -21.13
N GLY C 197 -16.70 3.00 -21.51
CA GLY C 197 -16.70 2.22 -22.73
C GLY C 197 -16.94 3.04 -23.96
N PRO C 198 -16.94 2.37 -25.10
CA PRO C 198 -17.01 3.06 -26.39
C PRO C 198 -18.44 3.44 -26.76
N LYS C 199 -18.56 4.10 -27.90
CA LYS C 199 -19.85 4.50 -28.44
C LYS C 199 -20.22 3.58 -29.60
N LYS C 200 -21.46 3.12 -29.63
CA LYS C 200 -21.97 2.32 -30.73
C LYS C 200 -23.13 3.04 -31.42
N SER C 201 -23.55 2.47 -32.55
CA SER C 201 -24.69 3.00 -33.29
C SER C 201 -25.40 1.89 -34.06
C1 NAG D . -6.24 -15.11 -21.24
C2 NAG D . -5.51 -14.47 -22.42
C3 NAG D . -6.50 -13.73 -23.32
C4 NAG D . -7.64 -14.65 -23.73
C5 NAG D . -8.29 -15.27 -22.50
C6 NAG D . -9.35 -16.29 -22.85
C7 NAG D . -3.29 -13.42 -22.59
C8 NAG D . -2.34 -12.45 -21.97
N2 NAG D . -4.46 -13.57 -21.96
O3 NAG D . -5.83 -13.24 -24.48
O4 NAG D . -8.63 -13.90 -24.44
O5 NAG D . -7.30 -15.97 -21.73
O6 NAG D . -10.01 -15.96 -24.06
O7 NAG D . -3.02 -14.04 -23.61
#